data_3O10
#
_entry.id   3O10
#
_cell.length_a   72.581
_cell.length_b   72.581
_cell.length_c   201.180
_cell.angle_alpha   90.00
_cell.angle_beta   90.00
_cell.angle_gamma   120.00
#
_symmetry.space_group_name_H-M   'P 32 2 1'
#
loop_
_entity.id
_entity.type
_entity.pdbx_description
1 polymer Sacsin
2 non-polymer 'MALONATE ION'
3 water water
#
_entity_poly.entity_id   1
_entity_poly.type   'polypeptide(L)'
_entity_poly.pdbx_seq_one_letter_code
;GSVGNPVEARRWLRQARANFSAARNDLHKNANEWVCFKCYLSTKLALIAADYAVRGKSDKDVKPTALAQKIEEYSQQLEG
LTNDVHTLEAYGVDSLKTRYPDLLPFPQIPNDRFTSEVA(MSE)RV(MSE)ECTACIIIKLENF(MSE)QQKV
;
_entity_poly.pdbx_strand_id   A,B,C,D
#
loop_
_chem_comp.id
_chem_comp.type
_chem_comp.name
_chem_comp.formula
MLI non-polymer 'MALONATE ION' 'C3 H2 O4 -2'
#
# COMPACT_ATOMS: atom_id res chain seq x y z
N GLY A 1 11.35 -4.33 23.46
CA GLY A 1 12.24 -4.44 22.27
C GLY A 1 13.35 -3.42 22.34
N SER A 2 14.39 -3.56 21.52
CA SER A 2 15.64 -2.81 21.72
C SER A 2 15.77 -1.36 21.17
N VAL A 3 15.49 -1.11 19.89
CA VAL A 3 15.70 0.25 19.34
C VAL A 3 14.43 0.94 18.82
N GLY A 4 14.13 2.13 19.35
CA GLY A 4 12.85 2.78 19.07
C GLY A 4 12.89 3.67 17.84
N ASN A 5 11.73 3.96 17.28
CA ASN A 5 11.62 4.85 16.14
C ASN A 5 10.70 6.00 16.57
N PRO A 6 11.33 7.11 17.04
CA PRO A 6 10.60 8.26 17.55
C PRO A 6 9.84 9.03 16.46
N VAL A 7 10.37 9.04 15.24
CA VAL A 7 9.69 9.68 14.11
C VAL A 7 8.36 8.99 13.82
N GLU A 8 8.41 7.66 13.62
CA GLU A 8 7.17 6.91 13.35
C GLU A 8 6.19 7.02 14.54
N ALA A 9 6.71 6.97 15.78
CA ALA A 9 5.85 7.09 16.98
C ALA A 9 5.02 8.37 16.97
N ARG A 10 5.70 9.49 16.68
CA ARG A 10 5.06 10.79 16.60
C ARG A 10 4.00 10.85 15.52
N ARG A 11 4.29 10.23 14.38
CA ARG A 11 3.36 10.20 13.24
C ARG A 11 2.05 9.48 13.63
N TRP A 12 2.19 8.31 14.22
CA TRP A 12 1.00 7.57 14.64
C TRP A 12 0.24 8.25 15.80
N LEU A 13 0.98 8.85 16.74
CA LEU A 13 0.34 9.56 17.84
C LEU A 13 -0.50 10.77 17.36
N ARG A 14 0.04 11.47 16.36
CA ARG A 14 -0.67 12.58 15.72
CA ARG A 14 -0.67 12.59 15.76
C ARG A 14 -2.05 12.14 15.25
N GLN A 15 -2.10 11.00 14.56
CA GLN A 15 -3.37 10.50 14.07
C GLN A 15 -4.27 10.02 15.21
N ALA A 16 -3.71 9.31 16.19
CA ALA A 16 -4.50 8.88 17.35
C ALA A 16 -5.18 10.07 18.03
N ARG A 17 -4.43 11.17 18.23
CA ARG A 17 -4.99 12.37 18.82
C ARG A 17 -6.08 13.03 17.94
N ALA A 18 -5.88 13.00 16.63
CA ALA A 18 -6.91 13.50 15.70
C ALA A 18 -8.20 12.70 15.78
N ASN A 19 -8.07 11.38 15.93
CA ASN A 19 -9.26 10.50 16.03
C ASN A 19 -10.05 10.78 17.33
N PHE A 20 -9.33 11.04 18.41
CA PHE A 20 -10.01 11.33 19.67
C PHE A 20 -10.68 12.71 19.62
N SER A 21 -10.02 13.68 19.00
CA SER A 21 -10.63 15.01 18.81
C SER A 21 -11.89 14.93 17.96
N ALA A 22 -11.84 14.10 16.91
CA ALA A 22 -12.96 13.95 15.99
C ALA A 22 -14.18 13.26 16.66
N ALA A 23 -13.95 12.46 17.70
CA ALA A 23 -15.07 11.81 18.43
C ALA A 23 -16.06 12.86 18.94
N ARG A 24 -15.57 14.05 19.30
CA ARG A 24 -16.47 15.14 19.70
C ARG A 24 -17.52 15.55 18.65
N ASN A 25 -17.19 15.39 17.37
CA ASN A 25 -18.06 15.79 16.27
C ASN A 25 -19.37 14.96 16.21
N ASP A 26 -19.33 13.74 16.75
CA ASP A 26 -20.50 12.85 16.76
C ASP A 26 -21.26 12.80 18.07
N LEU A 27 -20.85 13.61 19.05
CA LEU A 27 -21.52 13.58 20.35
C LEU A 27 -22.93 14.17 20.25
N HIS A 28 -23.88 13.49 20.86
CA HIS A 28 -25.29 13.92 20.91
C HIS A 28 -25.92 14.17 19.53
N LYS A 29 -25.58 13.29 18.57
CA LYS A 29 -26.04 13.40 17.19
C LYS A 29 -26.59 12.05 16.69
N ASN A 30 -27.01 11.19 17.61
CA ASN A 30 -27.45 9.83 17.26
C ASN A 30 -26.41 9.13 16.39
N ALA A 31 -25.16 9.21 16.83
CA ALA A 31 -24.06 8.53 16.12
C ALA A 31 -23.10 8.01 17.20
N ASN A 32 -23.65 7.39 18.26
CA ASN A 32 -22.82 6.90 19.35
C ASN A 32 -21.88 5.79 18.88
N GLU A 33 -22.26 5.02 17.86
CA GLU A 33 -21.31 3.98 17.38
C GLU A 33 -20.06 4.61 16.77
N TRP A 34 -20.22 5.82 16.22
CA TRP A 34 -19.10 6.57 15.66
C TRP A 34 -18.21 7.21 16.73
N VAL A 35 -18.79 7.70 17.82
CA VAL A 35 -17.97 8.11 18.99
C VAL A 35 -17.13 6.91 19.44
N CYS A 36 -17.78 5.74 19.59
CA CYS A 36 -17.07 4.57 20.09
C CYS A 36 -16.03 4.01 19.11
N PHE A 37 -16.36 3.93 17.82
CA PHE A 37 -15.34 3.50 16.85
C PHE A 37 -14.14 4.44 16.77
N LYS A 38 -14.40 5.75 16.76
CA LYS A 38 -13.30 6.73 16.78
C LYS A 38 -12.40 6.54 17.99
N CYS A 39 -13.00 6.35 19.15
CA CYS A 39 -12.22 6.08 20.38
C CYS A 39 -11.44 4.76 20.34
N TYR A 40 -12.08 3.70 19.86
CA TYR A 40 -11.38 2.43 19.63
C TYR A 40 -10.15 2.64 18.74
N LEU A 41 -10.34 3.34 17.61
CA LEU A 41 -9.21 3.50 16.69
C LEU A 41 -8.15 4.46 17.24
N SER A 42 -8.56 5.50 17.95
CA SER A 42 -7.62 6.35 18.70
C SER A 42 -6.75 5.49 19.66
N THR A 43 -7.41 4.63 20.43
CA THR A 43 -6.73 3.73 21.35
C THR A 43 -5.75 2.80 20.62
N LYS A 44 -6.19 2.17 19.52
CA LYS A 44 -5.33 1.26 18.78
C LYS A 44 -4.10 1.97 18.25
N LEU A 45 -4.29 3.14 17.63
CA LEU A 45 -3.15 3.87 17.06
C LEU A 45 -2.16 4.41 18.10
N ALA A 46 -2.69 4.84 19.25
CA ALA A 46 -1.84 5.32 20.34
C ALA A 46 -0.94 4.17 20.89
N LEU A 47 -1.52 2.97 21.01
CA LEU A 47 -0.76 1.77 21.42
C LEU A 47 0.33 1.41 20.38
N ILE A 48 -0.03 1.42 19.11
CA ILE A 48 0.95 1.19 18.03
C ILE A 48 2.08 2.25 18.02
N ALA A 49 1.70 3.51 18.27
CA ALA A 49 2.68 4.58 18.45
C ALA A 49 3.71 4.23 19.53
N ALA A 50 3.23 3.75 20.67
CA ALA A 50 4.10 3.44 21.81
C ALA A 50 5.00 2.28 21.45
N ASP A 51 4.45 1.31 20.70
CA ASP A 51 5.20 0.14 20.20
C ASP A 51 6.34 0.60 19.28
N TYR A 52 6.07 1.51 18.32
CA TYR A 52 7.15 2.14 17.53
C TYR A 52 8.19 2.88 18.39
N ALA A 53 7.71 3.64 19.36
CA ALA A 53 8.58 4.38 20.27
C ALA A 53 9.61 3.50 21.01
N VAL A 54 9.23 2.25 21.31
CA VAL A 54 10.09 1.29 22.04
C VAL A 54 10.92 0.33 21.15
N ARG A 55 10.24 -0.31 20.20
CA ARG A 55 10.71 -1.46 19.40
C ARG A 55 10.95 -1.12 17.92
N GLY A 56 10.44 0.03 17.48
CA GLY A 56 10.52 0.48 16.09
C GLY A 56 9.67 -0.31 15.12
N LYS A 57 8.68 -1.03 15.66
CA LYS A 57 7.78 -1.87 14.88
C LYS A 57 6.58 -2.23 15.73
N SER A 58 5.53 -2.71 15.07
CA SER A 58 4.31 -3.12 15.74
C SER A 58 3.60 -4.18 14.92
N ASP A 59 2.33 -4.44 15.23
CA ASP A 59 1.46 -5.28 14.41
C ASP A 59 0.03 -4.77 14.54
N LYS A 60 -0.63 -4.48 13.41
CA LYS A 60 -2.04 -3.99 13.42
C LYS A 60 -3.05 -5.15 13.50
N ASP A 61 -2.54 -6.37 13.36
CA ASP A 61 -3.24 -7.64 13.52
C ASP A 61 -3.59 -8.01 14.97
N VAL A 62 -2.86 -7.43 15.92
CA VAL A 62 -2.97 -7.78 17.34
C VAL A 62 -4.05 -6.91 17.95
N LYS A 63 -4.94 -7.51 18.74
CA LYS A 63 -6.07 -6.86 19.44
CA LYS A 63 -6.06 -6.78 19.34
C LYS A 63 -5.53 -5.80 20.39
N PRO A 64 -6.15 -4.60 20.50
CA PRO A 64 -5.57 -3.65 21.48
C PRO A 64 -5.29 -4.20 22.89
N THR A 65 -6.20 -4.96 23.50
CA THR A 65 -5.93 -5.49 24.85
C THR A 65 -4.61 -6.30 24.91
N ALA A 66 -4.36 -7.14 23.91
CA ALA A 66 -3.10 -7.91 23.88
C ALA A 66 -1.88 -7.01 23.62
N LEU A 67 -2.04 -5.98 22.79
CA LEU A 67 -0.91 -5.04 22.59
C LEU A 67 -0.60 -4.30 23.89
N ALA A 68 -1.65 -3.90 24.60
CA ALA A 68 -1.50 -3.15 25.85
C ALA A 68 -0.78 -4.01 26.91
N GLN A 69 -1.13 -5.28 26.97
CA GLN A 69 -0.46 -6.22 27.91
C GLN A 69 1.07 -6.26 27.72
N LYS A 70 1.52 -6.29 26.47
CA LYS A 70 2.96 -6.31 26.16
C LYS A 70 3.59 -4.96 26.47
N ILE A 71 2.90 -3.90 26.06
CA ILE A 71 3.39 -2.53 26.27
C ILE A 71 3.50 -2.21 27.77
N GLU A 72 2.50 -2.64 28.55
CA GLU A 72 2.51 -2.34 29.99
C GLU A 72 3.77 -2.86 30.68
N GLU A 73 4.28 -4.01 30.24
CA GLU A 73 5.54 -4.54 30.77
C GLU A 73 6.76 -3.67 30.48
N TYR A 74 6.65 -2.73 29.53
CA TYR A 74 7.79 -1.88 29.21
C TYR A 74 8.19 -0.98 30.39
N SER A 75 7.23 -0.52 31.17
CA SER A 75 7.53 0.25 32.38
C SER A 75 6.38 0.45 33.36
N GLN A 76 6.76 0.67 34.61
CA GLN A 76 5.83 0.86 35.71
C GLN A 76 4.99 2.11 35.50
N GLN A 77 5.48 3.02 34.65
CA GLN A 77 4.74 4.23 34.26
C GLN A 77 3.38 3.92 33.62
N LEU A 78 3.30 2.73 33.02
CA LEU A 78 2.10 2.28 32.28
C LEU A 78 1.17 1.40 33.12
N GLU A 79 1.43 1.29 34.41
CA GLU A 79 0.56 0.49 35.27
C GLU A 79 -0.90 0.90 35.06
N GLY A 80 -1.77 -0.09 34.89
CA GLY A 80 -3.17 0.17 34.69
C GLY A 80 -3.59 0.30 33.24
N LEU A 81 -2.64 0.34 32.32
CA LEU A 81 -2.97 0.51 30.88
C LEU A 81 -3.91 -0.58 30.34
N THR A 82 -3.57 -1.83 30.64
CA THR A 82 -4.34 -2.94 30.09
C THR A 82 -5.77 -2.95 30.64
N ASN A 83 -5.93 -2.61 31.92
CA ASN A 83 -7.25 -2.52 32.51
CA ASN A 83 -7.25 -2.49 32.54
C ASN A 83 -8.09 -1.45 31.80
N ASP A 84 -7.49 -0.27 31.54
CA ASP A 84 -8.15 0.81 30.80
C ASP A 84 -8.62 0.30 29.43
N VAL A 85 -7.68 -0.32 28.70
CA VAL A 85 -7.96 -0.78 27.31
C VAL A 85 -9.04 -1.87 27.30
N HIS A 86 -8.95 -2.81 28.24
CA HIS A 86 -9.97 -3.84 28.37
C HIS A 86 -11.37 -3.28 28.71
N THR A 87 -11.43 -2.11 29.38
CA THR A 87 -12.74 -1.53 29.69
C THR A 87 -13.57 -1.24 28.41
N LEU A 88 -12.92 -0.87 27.31
CA LEU A 88 -13.66 -0.72 26.04
C LEU A 88 -14.50 -1.96 25.72
N GLU A 89 -13.90 -3.14 25.80
CA GLU A 89 -14.65 -4.39 25.61
C GLU A 89 -15.84 -4.57 26.56
N ALA A 90 -15.64 -4.19 27.82
CA ALA A 90 -16.66 -4.31 28.84
C ALA A 90 -17.89 -3.50 28.48
N TYR A 91 -17.71 -2.46 27.64
CA TYR A 91 -18.78 -1.60 27.15
C TYR A 91 -19.28 -2.04 25.78
N GLY A 92 -18.82 -3.21 25.33
CA GLY A 92 -19.26 -3.81 24.06
C GLY A 92 -18.67 -3.15 22.82
N VAL A 93 -17.58 -2.42 23.02
CA VAL A 93 -16.86 -1.73 21.95
C VAL A 93 -15.67 -2.52 21.43
N ASP A 94 -15.70 -2.81 20.12
CA ASP A 94 -14.50 -3.22 19.41
C ASP A 94 -14.61 -2.81 17.93
N SER A 95 -13.65 -3.18 17.09
CA SER A 95 -13.68 -2.69 15.70
C SER A 95 -14.95 -3.15 14.97
N LEU A 96 -15.31 -4.42 15.12
CA LEU A 96 -16.36 -4.98 14.26
C LEU A 96 -17.76 -4.70 14.78
N LYS A 97 -17.91 -4.74 16.11
CA LYS A 97 -19.23 -4.53 16.74
C LYS A 97 -19.72 -3.06 16.72
N THR A 98 -18.84 -2.12 16.39
CA THR A 98 -19.30 -0.74 16.20
C THR A 98 -19.70 -0.49 14.74
N ARG A 99 -19.56 -1.50 13.88
CA ARG A 99 -19.76 -1.32 12.42
C ARG A 99 -20.71 -2.28 11.68
N TYR A 100 -20.75 -3.55 12.08
CA TYR A 100 -21.45 -4.57 11.25
C TYR A 100 -22.61 -5.26 11.96
N PRO A 101 -23.84 -5.12 11.41
CA PRO A 101 -24.99 -5.76 12.05
C PRO A 101 -24.88 -7.28 12.24
N ASP A 102 -24.18 -7.98 11.36
CA ASP A 102 -24.16 -9.46 11.46
C ASP A 102 -23.37 -9.95 12.68
N LEU A 103 -22.58 -9.07 13.28
CA LEU A 103 -21.82 -9.37 14.51
C LEU A 103 -22.54 -8.98 15.81
N LEU A 104 -23.75 -8.42 15.65
CA LEU A 104 -24.57 -7.97 16.78
C LEU A 104 -25.77 -8.91 16.93
N PRO A 105 -26.35 -8.98 18.15
CA PRO A 105 -27.52 -9.83 18.40
C PRO A 105 -28.72 -9.27 17.62
N PHE A 106 -29.28 -10.09 16.74
CA PHE A 106 -30.43 -9.71 15.93
C PHE A 106 -31.53 -9.18 16.86
N PRO A 107 -32.19 -8.05 16.50
CA PRO A 107 -32.05 -7.27 15.29
C PRO A 107 -31.18 -6.01 15.40
N GLN A 108 -30.36 -5.91 16.44
CA GLN A 108 -29.63 -4.66 16.75
C GLN A 108 -28.76 -4.22 15.58
N ILE A 109 -28.69 -2.90 15.34
CA ILE A 109 -27.66 -2.38 14.43
C ILE A 109 -26.74 -1.45 15.24
N PRO A 110 -25.52 -1.16 14.74
CA PRO A 110 -24.65 -0.24 15.53
C PRO A 110 -25.31 1.07 16.00
N ASN A 111 -26.19 1.66 15.18
CA ASN A 111 -26.88 2.91 15.54
C ASN A 111 -27.80 2.81 16.78
N ASP A 112 -28.17 1.57 17.17
CA ASP A 112 -29.13 1.20 18.24
C ASP A 112 -28.34 0.75 19.49
N ARG A 113 -27.02 0.58 19.35
CA ARG A 113 -26.28 -0.28 20.30
C ARG A 113 -25.74 0.43 21.53
N PHE A 114 -25.31 1.68 21.36
CA PHE A 114 -24.61 2.43 22.40
C PHE A 114 -25.39 3.63 22.91
N THR A 115 -25.54 3.73 24.22
CA THR A 115 -26.26 4.88 24.80
C THR A 115 -25.28 6.05 24.87
N SER A 116 -25.82 7.26 25.06
CA SER A 116 -24.97 8.44 25.24
C SER A 116 -24.13 8.34 26.47
N GLU A 117 -24.67 7.70 27.51
CA GLU A 117 -23.88 7.45 28.72
C GLU A 117 -22.66 6.55 28.47
N VAL A 118 -22.87 5.45 27.76
CA VAL A 118 -21.74 4.59 27.37
C VAL A 118 -20.69 5.33 26.49
N ALA A 119 -21.13 6.09 25.48
CA ALA A 119 -20.21 6.85 24.64
C ALA A 119 -19.34 7.75 25.51
N MSE A 120 -19.96 8.40 26.49
CA MSE A 120 -19.18 9.25 27.42
C MSE A 120 -18.14 8.45 28.25
O MSE A 120 -16.95 8.87 28.38
CB MSE A 120 -20.11 10.08 28.32
CG MSE A 120 -19.39 10.85 29.50
SE MSE A 120 -20.60 12.09 30.32
CE MSE A 120 -22.14 10.93 30.71
N ARG A 121 -18.54 7.30 28.79
CA ARG A 121 -17.63 6.45 29.57
C ARG A 121 -16.46 5.97 28.71
N VAL A 122 -16.77 5.67 27.45
CA VAL A 122 -15.74 5.24 26.47
C VAL A 122 -14.75 6.39 26.15
N MSE A 123 -15.26 7.62 26.00
CA MSE A 123 -14.38 8.77 25.83
C MSE A 123 -13.43 8.97 27.04
O MSE A 123 -12.23 9.26 26.84
CB MSE A 123 -15.15 10.04 25.54
CG MSE A 123 -15.90 9.99 24.23
SE MSE A 123 -16.77 11.71 23.98
CE MSE A 123 -15.30 12.86 24.16
N GLU A 124 -13.97 8.79 28.26
CA GLU A 124 -13.18 8.93 29.47
C GLU A 124 -12.02 7.90 29.51
N CYS A 125 -12.33 6.63 29.23
CA CYS A 125 -11.34 5.54 29.15
C CYS A 125 -10.24 5.86 28.15
N THR A 126 -10.66 6.32 26.96
CA THR A 126 -9.73 6.65 25.88
C THR A 126 -8.80 7.81 26.23
N ALA A 127 -9.37 8.88 26.79
CA ALA A 127 -8.55 10.00 27.25
C ALA A 127 -7.47 9.53 28.24
N CYS A 128 -7.85 8.66 29.18
CA CYS A 128 -6.86 8.12 30.15
C CYS A 128 -5.79 7.23 29.50
N ILE A 129 -6.19 6.46 28.51
CA ILE A 129 -5.25 5.64 27.78
C ILE A 129 -4.22 6.52 27.07
N ILE A 130 -4.69 7.56 26.36
CA ILE A 130 -3.78 8.46 25.62
C ILE A 130 -2.84 9.19 26.58
N ILE A 131 -3.37 9.64 27.71
CA ILE A 131 -2.54 10.31 28.72
C ILE A 131 -1.42 9.41 29.27
N LYS A 132 -1.75 8.16 29.62
CA LYS A 132 -0.71 7.22 30.08
C LYS A 132 0.34 7.01 29.02
N LEU A 133 -0.11 6.83 27.78
CA LEU A 133 0.86 6.60 26.68
C LEU A 133 1.68 7.82 26.28
N GLU A 134 1.06 9.01 26.24
CA GLU A 134 1.82 10.25 26.00
C GLU A 134 2.83 10.55 27.08
N ASN A 135 2.42 10.37 28.33
CA ASN A 135 3.36 10.50 29.45
C ASN A 135 4.59 9.61 29.25
N PHE A 136 4.33 8.35 28.93
CA PHE A 136 5.41 7.37 28.68
C PHE A 136 6.30 7.75 27.50
N MSE A 137 5.71 8.27 26.43
CA MSE A 137 6.49 8.60 25.25
C MSE A 137 7.25 9.91 25.37
O MSE A 137 8.17 10.16 24.60
CB MSE A 137 5.61 8.61 23.99
CG MSE A 137 5.35 7.23 23.43
SE MSE A 137 4.19 7.33 21.81
CE MSE A 137 5.01 8.93 20.94
N GLN A 138 6.88 10.74 26.35
CA GLN A 138 7.53 12.03 26.58
C GLN A 138 8.92 11.84 27.20
N GLN A 139 9.03 11.14 28.33
CA GLN A 139 10.36 10.91 28.96
C GLN A 139 11.40 12.00 28.70
N GLY B 1 -29.32 -13.95 -7.47
CA GLY B 1 -29.74 -14.89 -6.43
C GLY B 1 -31.24 -15.06 -6.37
N SER B 2 -31.70 -16.10 -5.68
CA SER B 2 -33.08 -16.53 -5.89
C SER B 2 -34.14 -16.20 -4.83
N VAL B 3 -33.77 -16.14 -3.55
CA VAL B 3 -34.72 -15.83 -2.44
C VAL B 3 -34.26 -14.71 -1.50
N GLY B 4 -34.90 -13.56 -1.58
CA GLY B 4 -34.47 -12.38 -0.81
C GLY B 4 -34.89 -12.36 0.65
N ASN B 5 -34.20 -11.55 1.45
CA ASN B 5 -34.54 -11.35 2.85
C ASN B 5 -34.72 -9.85 3.09
N PRO B 6 -35.99 -9.37 3.03
CA PRO B 6 -36.26 -7.92 3.14
C PRO B 6 -36.02 -7.38 4.54
N VAL B 7 -36.18 -8.22 5.55
CA VAL B 7 -35.90 -7.81 6.93
C VAL B 7 -34.40 -7.50 7.16
N GLU B 8 -33.54 -8.42 6.73
CA GLU B 8 -32.10 -8.19 6.80
C GLU B 8 -31.67 -7.05 5.92
N ALA B 9 -32.25 -6.96 4.73
CA ALA B 9 -31.93 -5.84 3.83
C ALA B 9 -32.21 -4.51 4.50
N ARG B 10 -33.38 -4.39 5.13
CA ARG B 10 -33.76 -3.15 5.82
C ARG B 10 -32.81 -2.79 6.98
N ARG B 11 -32.41 -3.81 7.75
CA ARG B 11 -31.47 -3.65 8.84
C ARG B 11 -30.13 -3.03 8.38
N TRP B 12 -29.55 -3.65 7.35
CA TRP B 12 -28.31 -3.15 6.76
C TRP B 12 -28.45 -1.79 6.12
N LEU B 13 -29.55 -1.55 5.40
CA LEU B 13 -29.76 -0.25 4.76
C LEU B 13 -29.95 0.88 5.80
N ARG B 14 -30.66 0.57 6.90
CA ARG B 14 -30.84 1.54 7.98
C ARG B 14 -29.48 2.01 8.52
N GLN B 15 -28.59 1.06 8.76
CA GLN B 15 -27.21 1.41 9.16
C GLN B 15 -26.42 2.17 8.07
N ALA B 16 -26.50 1.73 6.83
CA ALA B 16 -25.85 2.51 5.74
C ALA B 16 -26.32 3.97 5.70
N ARG B 17 -27.63 4.19 5.82
CA ARG B 17 -28.19 5.56 5.83
C ARG B 17 -27.69 6.35 7.03
N ALA B 18 -27.63 5.69 8.20
CA ALA B 18 -27.08 6.36 9.41
C ALA B 18 -25.63 6.79 9.22
N ASN B 19 -24.82 5.91 8.62
CA ASN B 19 -23.40 6.28 8.34
C ASN B 19 -23.28 7.47 7.40
N PHE B 20 -24.12 7.50 6.36
CA PHE B 20 -24.07 8.62 5.41
C PHE B 20 -24.52 9.94 6.07
N SER B 21 -25.57 9.86 6.89
CA SER B 21 -25.95 11.00 7.71
C SER B 21 -24.82 11.45 8.67
N ALA B 22 -24.14 10.48 9.30
CA ALA B 22 -23.05 10.79 10.26
C ALA B 22 -21.86 11.47 9.58
N ALA B 23 -21.71 11.24 8.27
CA ALA B 23 -20.59 11.86 7.55
C ALA B 23 -20.64 13.37 7.60
N ARG B 24 -21.85 13.94 7.61
CA ARG B 24 -22.06 15.39 7.72
C ARG B 24 -21.46 15.97 9.01
N ASN B 25 -21.41 15.17 10.08
CA ASN B 25 -20.87 15.64 11.40
C ASN B 25 -19.40 16.03 11.32
N ASP B 26 -18.67 15.41 10.38
CA ASP B 26 -17.23 15.64 10.26
C ASP B 26 -16.83 16.65 9.18
N LEU B 27 -17.77 17.11 8.37
CA LEU B 27 -17.48 18.13 7.35
C LEU B 27 -17.04 19.47 7.95
N HIS B 28 -16.02 20.07 7.31
CA HIS B 28 -15.47 21.38 7.68
C HIS B 28 -14.92 21.42 9.12
N LYS B 29 -14.38 20.30 9.60
CA LYS B 29 -13.85 20.16 10.96
C LYS B 29 -12.45 19.55 10.95
N ASN B 30 -11.73 19.62 9.81
CA ASN B 30 -10.41 19.00 9.73
C ASN B 30 -10.47 17.51 10.13
N ALA B 31 -11.48 16.84 9.58
CA ALA B 31 -11.67 15.42 9.85
C ALA B 31 -12.15 14.79 8.57
N ASN B 32 -11.52 15.15 7.46
CA ASN B 32 -11.93 14.64 6.14
C ASN B 32 -11.73 13.14 5.96
N GLU B 33 -10.78 12.53 6.68
CA GLU B 33 -10.62 11.08 6.63
C GLU B 33 -11.86 10.37 7.21
N TRP B 34 -12.51 11.01 8.18
CA TRP B 34 -13.72 10.45 8.81
C TRP B 34 -14.95 10.62 7.92
N VAL B 35 -15.07 11.77 7.24
CA VAL B 35 -16.06 11.91 6.16
C VAL B 35 -15.90 10.74 5.16
N CYS B 36 -14.68 10.52 4.67
CA CYS B 36 -14.42 9.45 3.69
C CYS B 36 -14.65 8.02 4.19
N PHE B 37 -14.16 7.69 5.39
CA PHE B 37 -14.42 6.36 5.94
C PHE B 37 -15.88 6.12 6.19
N LYS B 38 -16.59 7.13 6.69
CA LYS B 38 -18.04 6.94 6.89
C LYS B 38 -18.76 6.67 5.56
N CYS B 39 -18.36 7.40 4.50
CA CYS B 39 -18.94 7.17 3.16
C CYS B 39 -18.56 5.80 2.61
N TYR B 40 -17.31 5.37 2.86
CA TYR B 40 -16.89 4.01 2.47
C TYR B 40 -17.78 2.93 3.12
N LEU B 41 -18.00 3.09 4.42
CA LEU B 41 -18.79 2.09 5.20
C LEU B 41 -20.26 2.17 4.84
N SER B 42 -20.77 3.37 4.59
CA SER B 42 -22.12 3.52 4.04
C SER B 42 -22.29 2.73 2.71
N THR B 43 -21.31 2.89 1.82
CA THR B 43 -21.33 2.25 0.50
C THR B 43 -21.33 0.73 0.68
N LYS B 44 -20.45 0.25 1.53
CA LYS B 44 -20.28 -1.19 1.71
C LYS B 44 -21.52 -1.83 2.28
N LEU B 45 -22.12 -1.17 3.27
CA LEU B 45 -23.30 -1.72 3.93
C LEU B 45 -24.53 -1.64 3.01
N ALA B 46 -24.60 -0.64 2.14
CA ALA B 46 -25.74 -0.56 1.20
C ALA B 46 -25.68 -1.66 0.16
N LEU B 47 -24.47 -1.98 -0.31
CA LEU B 47 -24.28 -3.09 -1.24
C LEU B 47 -24.67 -4.41 -0.59
N ILE B 48 -24.24 -4.61 0.64
CA ILE B 48 -24.59 -5.84 1.38
C ILE B 48 -26.10 -5.89 1.54
N ALA B 49 -26.72 -4.74 1.83
CA ALA B 49 -28.19 -4.71 1.96
C ALA B 49 -28.85 -5.20 0.67
N ALA B 50 -28.38 -4.72 -0.49
CA ALA B 50 -28.97 -5.10 -1.77
C ALA B 50 -28.81 -6.57 -2.04
N ASP B 51 -27.65 -7.11 -1.67
CA ASP B 51 -27.37 -8.53 -1.81
C ASP B 51 -28.33 -9.36 -0.94
N TYR B 52 -28.56 -8.95 0.31
CA TYR B 52 -29.62 -9.59 1.11
C TYR B 52 -31.03 -9.52 0.48
N ALA B 53 -31.34 -8.36 -0.10
CA ALA B 53 -32.66 -8.12 -0.68
C ALA B 53 -32.94 -9.08 -1.85
N VAL B 54 -31.87 -9.46 -2.57
CA VAL B 54 -31.99 -10.33 -3.76
C VAL B 54 -31.83 -11.82 -3.43
N ARG B 55 -30.77 -12.17 -2.70
CA ARG B 55 -30.46 -13.59 -2.45
C ARG B 55 -30.44 -14.03 -0.99
N GLY B 56 -30.71 -13.11 -0.07
CA GLY B 56 -30.82 -13.44 1.36
C GLY B 56 -29.52 -13.80 2.05
N LYS B 57 -28.40 -13.42 1.44
CA LYS B 57 -27.06 -13.67 1.96
C LYS B 57 -26.09 -12.73 1.25
N SER B 58 -24.90 -12.52 1.82
CA SER B 58 -23.88 -11.70 1.20
C SER B 58 -22.52 -12.11 1.74
N ASP B 59 -21.52 -11.25 1.55
CA ASP B 59 -20.19 -11.43 2.12
C ASP B 59 -19.60 -10.06 2.44
N LYS B 60 -19.22 -9.83 3.69
CA LYS B 60 -18.52 -8.57 4.01
C LYS B 60 -17.00 -8.70 3.88
N ASP B 61 -16.53 -9.90 3.50
CA ASP B 61 -15.10 -10.10 3.16
C ASP B 61 -14.71 -9.76 1.71
N VAL B 62 -15.69 -9.43 0.88
CA VAL B 62 -15.43 -9.01 -0.52
C VAL B 62 -15.35 -7.48 -0.55
N LYS B 63 -14.41 -6.92 -1.32
CA LYS B 63 -14.28 -5.47 -1.46
C LYS B 63 -15.54 -4.94 -2.14
N PRO B 64 -15.97 -3.70 -1.78
CA PRO B 64 -17.17 -3.15 -2.39
C PRO B 64 -17.24 -3.20 -3.91
N THR B 65 -16.15 -2.89 -4.62
CA THR B 65 -16.24 -2.89 -6.09
C THR B 65 -16.53 -4.30 -6.63
N ALA B 66 -15.95 -5.30 -5.99
CA ALA B 66 -16.16 -6.69 -6.34
C ALA B 66 -17.61 -7.11 -6.03
N LEU B 67 -18.17 -6.66 -4.91
CA LEU B 67 -19.57 -6.97 -4.59
C LEU B 67 -20.46 -6.30 -5.65
N ALA B 68 -20.17 -5.02 -5.96
CA ALA B 68 -20.97 -4.28 -6.96
C ALA B 68 -21.01 -4.96 -8.33
N GLN B 69 -19.89 -5.55 -8.75
CA GLN B 69 -19.79 -6.25 -10.04
C GLN B 69 -20.82 -7.39 -10.08
N LYS B 70 -20.96 -8.15 -8.99
CA LYS B 70 -21.99 -9.21 -8.89
C LYS B 70 -23.39 -8.64 -8.91
N ILE B 71 -23.62 -7.61 -8.09
CA ILE B 71 -24.95 -7.03 -7.88
C ILE B 71 -25.46 -6.33 -9.14
N GLU B 72 -24.56 -5.72 -9.91
CA GLU B 72 -24.96 -4.97 -11.13
C GLU B 72 -25.71 -5.89 -12.11
N GLU B 73 -25.38 -7.17 -12.07
CA GLU B 73 -25.96 -8.19 -12.95
C GLU B 73 -27.41 -8.50 -12.60
N TYR B 74 -27.89 -8.04 -11.44
CA TYR B 74 -29.22 -8.38 -10.96
C TYR B 74 -30.34 -7.68 -11.71
N SER B 75 -30.05 -6.51 -12.29
CA SER B 75 -31.10 -5.70 -12.89
C SER B 75 -30.52 -4.60 -13.74
N GLN B 76 -31.21 -4.27 -14.84
CA GLN B 76 -30.95 -3.08 -15.65
C GLN B 76 -30.99 -1.80 -14.85
N GLN B 77 -31.78 -1.82 -13.77
CA GLN B 77 -31.94 -0.67 -12.90
C GLN B 77 -30.60 -0.33 -12.22
N LEU B 78 -29.69 -1.31 -12.21
CA LEU B 78 -28.39 -1.15 -11.53
C LEU B 78 -27.22 -0.90 -12.50
N GLU B 79 -27.52 -0.64 -13.77
CA GLU B 79 -26.53 -0.27 -14.77
C GLU B 79 -25.58 0.81 -14.19
N GLY B 80 -24.27 0.65 -14.41
CA GLY B 80 -23.28 1.62 -13.95
C GLY B 80 -22.85 1.48 -12.48
N LEU B 81 -23.45 0.57 -11.72
CA LEU B 81 -23.14 0.50 -10.28
C LEU B 81 -21.65 0.28 -9.99
N THR B 82 -21.03 -0.62 -10.72
CA THR B 82 -19.64 -0.99 -10.45
C THR B 82 -18.74 0.23 -10.59
N ASN B 83 -18.87 0.96 -11.71
CA ASN B 83 -18.10 2.20 -11.86
C ASN B 83 -18.44 3.22 -10.78
N ASP B 84 -19.73 3.33 -10.42
CA ASP B 84 -20.12 4.30 -9.38
C ASP B 84 -19.40 4.01 -8.07
N VAL B 85 -19.25 2.74 -7.74
CA VAL B 85 -18.62 2.29 -6.46
C VAL B 85 -17.09 2.43 -6.52
N HIS B 86 -16.55 2.18 -7.71
CA HIS B 86 -15.12 2.31 -7.93
C HIS B 86 -14.63 3.77 -7.73
N THR B 87 -15.52 4.76 -7.86
CA THR B 87 -15.13 6.18 -7.65
C THR B 87 -14.38 6.34 -6.31
N LEU B 88 -14.78 5.61 -5.28
CA LEU B 88 -14.15 5.82 -3.97
C LEU B 88 -12.64 5.54 -4.02
N GLU B 89 -12.29 4.37 -4.57
CA GLU B 89 -10.90 3.96 -4.77
C GLU B 89 -10.13 4.95 -5.65
N ALA B 90 -10.77 5.42 -6.73
CA ALA B 90 -10.21 6.45 -7.59
C ALA B 90 -9.84 7.73 -6.86
N TYR B 91 -10.60 8.09 -5.82
CA TYR B 91 -10.32 9.26 -4.96
C TYR B 91 -9.38 8.94 -3.76
N GLY B 92 -8.81 7.74 -3.76
CA GLY B 92 -7.85 7.33 -2.73
C GLY B 92 -8.51 6.84 -1.46
N VAL B 93 -9.83 6.55 -1.54
CA VAL B 93 -10.59 6.13 -0.37
C VAL B 93 -10.79 4.62 -0.35
N ASP B 94 -10.34 3.99 0.72
CA ASP B 94 -10.74 2.64 1.04
C ASP B 94 -10.65 2.40 2.56
N SER B 95 -10.93 1.19 3.04
CA SER B 95 -10.99 0.99 4.50
C SER B 95 -9.66 1.32 5.20
N LEU B 96 -8.55 0.91 4.61
CA LEU B 96 -7.27 1.02 5.30
C LEU B 96 -6.61 2.38 5.12
N LYS B 97 -6.68 2.95 3.92
CA LYS B 97 -6.04 4.24 3.63
C LYS B 97 -6.66 5.43 4.35
N THR B 98 -7.90 5.28 4.80
CA THR B 98 -8.51 6.35 5.58
C THR B 98 -8.18 6.21 7.08
N ARG B 99 -7.47 5.16 7.44
CA ARG B 99 -7.23 4.85 8.88
C ARG B 99 -5.78 4.68 9.33
N TYR B 100 -4.93 4.11 8.47
CA TYR B 100 -3.60 3.65 8.92
C TYR B 100 -2.43 4.33 8.18
N PRO B 101 -1.57 5.06 8.92
CA PRO B 101 -0.41 5.75 8.29
C PRO B 101 0.56 4.85 7.49
N ASP B 102 0.70 3.58 7.85
CA ASP B 102 1.66 2.69 7.13
C ASP B 102 1.22 2.38 5.70
N LEU B 103 -0.04 2.65 5.39
CA LEU B 103 -0.55 2.51 4.01
C LEU B 103 -0.34 3.75 3.16
N LEU B 104 0.20 4.80 3.75
CA LEU B 104 0.30 6.10 3.08
C LEU B 104 1.76 6.50 2.92
N PRO B 105 2.08 7.26 1.86
CA PRO B 105 3.46 7.69 1.67
C PRO B 105 3.90 8.61 2.78
N PHE B 106 5.01 8.27 3.40
CA PHE B 106 5.58 9.03 4.52
C PHE B 106 5.83 10.48 4.09
N PRO B 107 5.52 11.47 4.95
CA PRO B 107 5.03 11.42 6.32
C PRO B 107 3.50 11.47 6.48
N GLN B 108 2.75 11.31 5.40
CA GLN B 108 1.29 11.51 5.41
C GLN B 108 0.56 10.65 6.47
N ILE B 109 -0.43 11.26 7.14
CA ILE B 109 -1.38 10.51 7.95
C ILE B 109 -2.77 10.71 7.37
N PRO B 110 -3.74 9.84 7.73
CA PRO B 110 -5.10 10.10 7.21
C PRO B 110 -5.63 11.54 7.38
N ASN B 111 -5.33 12.17 8.53
CA ASN B 111 -5.83 13.51 8.82
C ASN B 111 -5.33 14.59 7.85
N ASP B 112 -4.25 14.34 7.12
CA ASP B 112 -3.85 15.31 6.07
C ASP B 112 -3.85 14.79 4.62
N ARG B 113 -4.50 13.66 4.43
CA ARG B 113 -4.54 13.01 3.13
C ARG B 113 -5.64 13.58 2.21
N PHE B 114 -6.81 13.88 2.79
CA PHE B 114 -7.98 14.26 1.96
C PHE B 114 -8.31 15.75 2.06
N THR B 115 -8.35 16.40 0.90
CA THR B 115 -8.76 17.82 0.79
C THR B 115 -10.26 17.95 1.07
N SER B 116 -10.71 19.14 1.40
CA SER B 116 -12.14 19.32 1.63
C SER B 116 -12.92 19.11 0.32
N GLU B 117 -12.27 19.44 -0.81
CA GLU B 117 -12.88 19.18 -2.13
C GLU B 117 -13.06 17.70 -2.40
N VAL B 118 -12.03 16.90 -2.09
CA VAL B 118 -12.16 15.45 -2.25
C VAL B 118 -13.28 14.92 -1.32
N ALA B 119 -13.34 15.44 -0.09
CA ALA B 119 -14.40 15.04 0.85
C ALA B 119 -15.79 15.29 0.27
N MSE B 120 -15.98 16.45 -0.34
CA MSE B 120 -17.25 16.80 -0.98
C MSE B 120 -17.56 15.89 -2.18
O MSE B 120 -18.72 15.47 -2.35
CB MSE B 120 -17.24 18.25 -1.46
CG MSE B 120 -17.19 19.30 -0.38
SE MSE B 120 -18.84 19.33 0.70
CE MSE B 120 -19.09 21.24 0.72
N ARG B 121 -16.57 15.61 -3.02
CA ARG B 121 -16.80 14.74 -4.21
C ARG B 121 -17.19 13.34 -3.73
N VAL B 122 -16.53 12.87 -2.68
CA VAL B 122 -16.85 11.57 -2.11
C VAL B 122 -18.28 11.50 -1.57
N MSE B 123 -18.75 12.54 -0.88
CA MSE B 123 -20.15 12.57 -0.48
C MSE B 123 -21.13 12.51 -1.62
O MSE B 123 -22.15 11.82 -1.53
CB MSE B 123 -20.40 13.82 0.36
CG MSE B 123 -19.47 13.81 1.52
SE MSE B 123 -20.57 13.45 3.03
CE MSE B 123 -20.69 15.04 3.31
N GLU B 124 -20.83 13.24 -2.70
CA GLU B 124 -21.63 13.22 -3.93
C GLU B 124 -21.60 11.84 -4.58
N CYS B 125 -20.42 11.21 -4.67
CA CYS B 125 -20.35 9.83 -5.20
C CYS B 125 -21.16 8.84 -4.39
N THR B 126 -21.07 8.96 -3.07
CA THR B 126 -21.82 8.10 -2.15
C THR B 126 -23.35 8.31 -2.33
N ALA B 127 -23.78 9.57 -2.44
CA ALA B 127 -25.18 9.87 -2.76
C ALA B 127 -25.66 9.06 -4.01
N CYS B 128 -24.87 9.08 -5.08
CA CYS B 128 -25.22 8.41 -6.33
C CYS B 128 -25.42 6.89 -6.15
N ILE B 129 -24.50 6.31 -5.40
CA ILE B 129 -24.56 4.86 -5.05
C ILE B 129 -25.82 4.52 -4.24
N ILE B 130 -26.09 5.32 -3.21
CA ILE B 130 -27.24 5.09 -2.34
C ILE B 130 -28.53 5.25 -3.14
N ILE B 131 -28.57 6.29 -3.97
CA ILE B 131 -29.76 6.50 -4.83
C ILE B 131 -30.05 5.26 -5.67
N LYS B 132 -29.02 4.73 -6.36
CA LYS B 132 -29.18 3.63 -7.27
C LYS B 132 -29.66 2.37 -6.54
N LEU B 133 -29.03 2.10 -5.40
CA LEU B 133 -29.36 0.89 -4.66
C LEU B 133 -30.72 1.01 -3.97
N GLU B 134 -30.99 2.16 -3.35
CA GLU B 134 -32.31 2.37 -2.71
C GLU B 134 -33.49 2.28 -3.67
N ASN B 135 -33.37 2.93 -4.83
CA ASN B 135 -34.41 2.84 -5.86
C ASN B 135 -34.70 1.39 -6.28
N PHE B 136 -33.63 0.63 -6.51
CA PHE B 136 -33.72 -0.78 -6.85
C PHE B 136 -34.46 -1.60 -5.78
N MSE B 137 -34.10 -1.38 -4.51
CA MSE B 137 -34.69 -2.15 -3.41
C MSE B 137 -36.15 -1.78 -3.12
O MSE B 137 -36.91 -2.62 -2.64
CB MSE B 137 -33.84 -2.03 -2.14
CG MSE B 137 -32.59 -2.95 -2.08
SE MSE B 137 -31.54 -2.68 -0.38
CE MSE B 137 -30.85 -1.10 -0.88
N GLN B 138 -36.57 -0.56 -3.44
CA GLN B 138 -38.01 -0.28 -3.46
C GLN B 138 -38.56 -0.97 -4.71
N GLN B 139 -38.43 -2.30 -4.75
CA GLN B 139 -38.42 -3.09 -6.01
C GLN B 139 -39.50 -2.74 -7.02
N GLY C 4 -12.32 -8.98 -22.50
CA GLY C 4 -11.55 -7.84 -23.09
C GLY C 4 -11.68 -6.53 -22.32
N ASN C 5 -10.55 -5.93 -21.97
CA ASN C 5 -10.56 -4.69 -21.19
C ASN C 5 -9.64 -3.62 -21.80
N PRO C 6 -10.11 -2.92 -22.86
CA PRO C 6 -9.20 -2.02 -23.57
C PRO C 6 -8.68 -0.86 -22.71
N VAL C 7 -9.47 -0.42 -21.72
CA VAL C 7 -9.08 0.72 -20.88
C VAL C 7 -7.95 0.34 -19.90
N GLU C 8 -8.06 -0.82 -19.27
CA GLU C 8 -6.94 -1.34 -18.44
C GLU C 8 -5.70 -1.57 -19.28
N ALA C 9 -5.88 -2.10 -20.49
CA ALA C 9 -4.72 -2.40 -21.36
C ALA C 9 -3.95 -1.11 -21.68
N ARG C 10 -4.67 -0.02 -21.97
CA ARG C 10 -4.05 1.30 -22.23
C ARG C 10 -3.20 1.80 -21.06
N ARG C 11 -3.69 1.54 -19.85
CA ARG C 11 -3.00 1.88 -18.61
C ARG C 11 -1.63 1.17 -18.48
N TRP C 12 -1.61 -0.15 -18.67
CA TRP C 12 -0.35 -0.90 -18.62
C TRP C 12 0.64 -0.48 -19.73
N LEU C 13 0.12 -0.29 -20.95
CA LEU C 13 0.94 0.20 -22.05
C LEU C 13 1.58 1.55 -21.78
N ARG C 14 0.85 2.44 -21.09
CA ARG C 14 1.38 3.74 -20.69
C ARG C 14 2.64 3.58 -19.86
N GLN C 15 2.58 2.72 -18.85
CA GLN C 15 3.76 2.49 -18.01
C GLN C 15 4.88 1.80 -18.79
N ALA C 16 4.53 0.85 -19.66
CA ALA C 16 5.55 0.17 -20.48
C ALA C 16 6.31 1.17 -21.37
N ARG C 17 5.57 2.09 -21.96
CA ARG C 17 6.16 3.15 -22.78
C ARG C 17 7.03 4.08 -21.94
N ALA C 18 6.58 4.37 -20.71
CA ALA C 18 7.34 5.14 -19.74
C ALA C 18 8.69 4.49 -19.42
N ASN C 19 8.69 3.16 -19.27
CA ASN C 19 9.90 2.37 -18.98
C ASN C 19 10.85 2.40 -20.15
N PHE C 20 10.30 2.31 -21.36
CA PHE C 20 11.10 2.41 -22.55
C PHE C 20 11.81 3.76 -22.67
N SER C 21 11.06 4.86 -22.53
CA SER C 21 11.66 6.21 -22.48
C SER C 21 12.78 6.36 -21.43
N ALA C 22 12.54 5.84 -20.23
CA ALA C 22 13.51 5.85 -19.14
C ALA C 22 14.79 5.08 -19.45
N ALA C 23 14.69 3.97 -20.20
CA ALA C 23 15.86 3.17 -20.60
C ALA C 23 16.92 3.98 -21.36
N ARG C 24 16.47 4.84 -22.26
CA ARG C 24 17.38 5.72 -22.99
C ARG C 24 18.17 6.64 -22.04
N ASN C 25 17.58 6.96 -20.88
CA ASN C 25 18.25 7.81 -19.86
C ASN C 25 19.55 7.17 -19.32
N ASP C 26 19.62 5.84 -19.36
CA ASP C 26 20.79 5.12 -18.86
C ASP C 26 21.80 4.74 -19.93
N LEU C 27 21.44 4.91 -21.21
CA LEU C 27 22.34 4.56 -22.30
C LEU C 27 23.57 5.46 -22.37
N HIS C 28 24.73 4.87 -22.71
CA HIS C 28 26.02 5.56 -22.82
C HIS C 28 26.47 6.22 -21.50
N LYS C 29 26.10 5.60 -20.38
CA LYS C 29 26.39 6.15 -19.05
C LYS C 29 26.92 5.06 -18.09
N ASN C 30 27.52 4.02 -18.64
CA ASN C 30 28.03 2.93 -17.82
C ASN C 30 26.96 2.44 -16.83
N ALA C 31 25.74 2.25 -17.36
CA ALA C 31 24.61 1.69 -16.58
C ALA C 31 23.79 0.75 -17.46
N ASN C 32 24.49 -0.15 -18.16
CA ASN C 32 23.85 -0.97 -19.19
C ASN C 32 22.90 -1.97 -18.59
N GLU C 33 23.14 -2.33 -17.32
CA GLU C 33 22.28 -3.28 -16.64
C GLU C 33 20.91 -2.65 -16.37
N TRP C 34 20.89 -1.33 -16.20
CA TRP C 34 19.63 -0.59 -16.02
C TRP C 34 18.90 -0.38 -17.35
N VAL C 35 19.62 -0.18 -18.46
CA VAL C 35 18.96 -0.14 -19.79
C VAL C 35 18.23 -1.48 -20.02
N CYS C 36 18.96 -2.56 -19.81
CA CYS C 36 18.43 -3.89 -19.99
C CYS C 36 17.24 -4.25 -19.06
N PHE C 37 17.35 -3.91 -17.77
CA PHE C 37 16.24 -4.17 -16.84
C PHE C 37 15.02 -3.33 -17.18
N LYS C 38 15.21 -2.06 -17.51
CA LYS C 38 14.09 -1.20 -17.91
C LYS C 38 13.39 -1.77 -19.15
N CYS C 39 14.20 -2.26 -20.09
CA CYS C 39 13.68 -2.95 -21.29
C CYS C 39 12.95 -4.23 -21.00
N TYR C 40 13.49 -5.05 -20.09
CA TYR C 40 12.83 -6.25 -19.58
C TYR C 40 11.44 -5.92 -19.01
N LEU C 41 11.37 -4.89 -18.18
CA LEU C 41 10.10 -4.51 -17.56
C LEU C 41 9.13 -3.85 -18.54
N SER C 42 9.65 -3.06 -19.48
CA SER C 42 8.83 -2.47 -20.52
C SER C 42 8.17 -3.59 -21.33
N THR C 43 8.92 -4.64 -21.59
CA THR C 43 8.40 -5.79 -22.32
C THR C 43 7.32 -6.54 -21.53
N LYS C 44 7.59 -6.79 -20.25
CA LYS C 44 6.70 -7.54 -19.38
C LYS C 44 5.37 -6.82 -19.29
N LEU C 45 5.44 -5.50 -19.11
CA LEU C 45 4.25 -4.67 -18.98
C LEU C 45 3.41 -4.57 -20.27
N ALA C 46 4.05 -4.52 -21.43
CA ALA C 46 3.30 -4.43 -22.69
C ALA C 46 2.60 -5.76 -23.06
N LEU C 47 3.25 -6.88 -22.68
CA LEU C 47 2.64 -8.23 -22.80
C LEU C 47 1.41 -8.38 -21.89
N ILE C 48 1.55 -7.93 -20.64
CA ILE C 48 0.42 -7.93 -19.70
C ILE C 48 -0.71 -7.04 -20.23
N ALA C 49 -0.33 -5.86 -20.76
CA ALA C 49 -1.26 -4.96 -21.44
C ALA C 49 -2.11 -5.69 -22.51
N ALA C 50 -1.44 -6.39 -23.42
CA ALA C 50 -2.08 -7.15 -24.51
C ALA C 50 -3.02 -8.24 -23.96
N ASP C 51 -2.59 -8.89 -22.87
CA ASP C 51 -3.38 -9.92 -22.17
C ASP C 51 -4.71 -9.35 -21.67
N TYR C 52 -4.64 -8.17 -21.02
CA TYR C 52 -5.82 -7.40 -20.60
C TYR C 52 -6.76 -7.03 -21.74
N ALA C 53 -6.18 -6.66 -22.87
CA ALA C 53 -6.93 -6.28 -24.07
C ALA C 53 -7.73 -7.46 -24.64
N VAL C 54 -7.29 -8.69 -24.34
CA VAL C 54 -7.96 -9.89 -24.84
C VAL C 54 -8.87 -10.56 -23.80
N ARG C 55 -8.37 -10.70 -22.58
CA ARG C 55 -9.00 -11.51 -21.54
C ARG C 55 -9.48 -10.72 -20.34
N GLY C 56 -9.09 -9.45 -20.25
CA GLY C 56 -9.41 -8.63 -19.09
C GLY C 56 -8.69 -9.04 -17.81
N LYS C 57 -7.68 -9.91 -17.94
CA LYS C 57 -6.83 -10.31 -16.82
C LYS C 57 -5.46 -10.77 -17.32
N SER C 58 -4.49 -10.82 -16.40
CA SER C 58 -3.17 -11.39 -16.69
C SER C 58 -2.53 -12.01 -15.43
N ASP C 59 -1.27 -12.39 -15.56
CA ASP C 59 -0.48 -12.97 -14.49
C ASP C 59 0.89 -12.29 -14.44
N LYS C 60 1.16 -11.59 -13.34
CA LYS C 60 2.47 -10.99 -13.09
C LYS C 60 3.46 -12.10 -12.73
N ASP C 61 2.91 -13.22 -12.26
CA ASP C 61 3.66 -14.39 -11.80
C ASP C 61 4.39 -15.19 -12.90
N VAL C 62 4.16 -14.82 -14.16
CA VAL C 62 4.60 -15.61 -15.32
C VAL C 62 5.69 -14.88 -16.13
N LYS C 63 6.79 -15.58 -16.39
CA LYS C 63 7.91 -15.07 -17.21
C LYS C 63 7.45 -14.53 -18.58
N PRO C 64 8.06 -13.41 -19.06
CA PRO C 64 7.77 -12.84 -20.39
C PRO C 64 7.65 -13.84 -21.56
N THR C 65 8.63 -14.72 -21.73
CA THR C 65 8.63 -15.70 -22.83
C THR C 65 7.43 -16.64 -22.73
N ALA C 66 7.15 -17.10 -21.51
CA ALA C 66 5.99 -17.94 -21.25
C ALA C 66 4.66 -17.21 -21.52
N LEU C 67 4.58 -15.95 -21.13
CA LEU C 67 3.37 -15.16 -21.37
C LEU C 67 3.16 -14.83 -22.86
N ALA C 68 4.24 -14.44 -23.55
CA ALA C 68 4.20 -14.21 -25.00
C ALA C 68 3.77 -15.45 -25.81
N GLN C 69 4.09 -16.64 -25.30
CA GLN C 69 3.68 -17.90 -25.94
C GLN C 69 2.16 -18.08 -26.00
N LYS C 70 1.49 -17.78 -24.88
CA LYS C 70 0.03 -17.87 -24.79
C LYS C 70 -0.61 -16.70 -25.51
N ILE C 71 0.05 -15.55 -25.50
CA ILE C 71 -0.44 -14.34 -26.17
C ILE C 71 -0.32 -14.44 -27.70
N GLU C 72 0.76 -15.08 -28.15
CA GLU C 72 1.00 -15.30 -29.59
C GLU C 72 -0.17 -15.96 -30.31
N GLU C 73 -0.80 -16.92 -29.63
CA GLU C 73 -1.88 -17.71 -30.21
C GLU C 73 -3.21 -16.95 -30.32
N TYR C 74 -3.25 -15.71 -29.85
CA TYR C 74 -4.47 -14.89 -29.95
C TYR C 74 -4.79 -14.48 -31.39
N SER C 75 -3.77 -14.06 -32.14
CA SER C 75 -3.91 -13.80 -33.59
C SER C 75 -2.57 -13.85 -34.32
N GLN C 76 -2.63 -14.12 -35.64
CA GLN C 76 -1.45 -14.20 -36.51
C GLN C 76 -0.73 -12.86 -36.68
N GLN C 77 -1.36 -11.78 -36.20
CA GLN C 77 -0.74 -10.46 -36.14
C GLN C 77 0.32 -10.42 -35.04
N LEU C 78 0.30 -11.41 -34.16
CA LEU C 78 1.30 -11.57 -33.09
C LEU C 78 2.21 -12.76 -33.38
N GLU C 79 2.45 -13.01 -34.66
CA GLU C 79 3.27 -14.14 -35.12
C GLU C 79 4.76 -13.82 -35.02
N GLY C 80 5.49 -14.65 -34.28
CA GLY C 80 6.90 -14.43 -34.02
C GLY C 80 7.15 -13.83 -32.64
N LEU C 81 6.08 -13.35 -32.01
CA LEU C 81 6.15 -12.69 -30.70
C LEU C 81 7.00 -13.44 -29.67
N THR C 82 6.84 -14.76 -29.64
CA THR C 82 7.60 -15.61 -28.72
C THR C 82 9.11 -15.49 -28.97
N ASN C 83 9.51 -15.66 -30.23
CA ASN C 83 10.91 -15.51 -30.65
C ASN C 83 11.50 -14.14 -30.33
N ASP C 84 10.67 -13.10 -30.49
CA ASP C 84 11.07 -11.73 -30.20
C ASP C 84 11.40 -11.54 -28.71
N VAL C 85 10.50 -12.02 -27.85
CA VAL C 85 10.70 -11.89 -26.41
C VAL C 85 11.90 -12.72 -25.93
N HIS C 86 12.06 -13.91 -26.51
CA HIS C 86 13.18 -14.81 -26.19
C HIS C 86 14.55 -14.23 -26.50
N THR C 87 14.59 -13.22 -27.37
CA THR C 87 15.83 -12.57 -27.74
C THR C 87 16.53 -11.93 -26.54
N LEU C 88 15.74 -11.26 -25.70
CA LEU C 88 16.24 -10.65 -24.46
C LEU C 88 17.02 -11.66 -23.61
N GLU C 89 16.42 -12.82 -23.37
CA GLU C 89 17.08 -13.90 -22.64
C GLU C 89 18.42 -14.28 -23.27
N ALA C 90 18.44 -14.35 -24.60
CA ALA C 90 19.65 -14.74 -25.33
C ALA C 90 20.79 -13.74 -25.15
N TYR C 91 20.45 -12.49 -24.84
CA TYR C 91 21.44 -11.44 -24.59
C TYR C 91 21.93 -11.38 -23.13
N GLY C 92 21.37 -12.24 -22.28
CA GLY C 92 21.78 -12.31 -20.87
C GLY C 92 20.87 -11.51 -19.96
N VAL C 93 19.75 -11.07 -20.50
CA VAL C 93 18.82 -10.18 -19.80
C VAL C 93 17.67 -10.96 -19.19
N ASP C 94 17.64 -10.97 -17.87
CA ASP C 94 16.45 -11.36 -17.15
C ASP C 94 16.31 -10.46 -15.92
N SER C 95 15.38 -10.82 -15.06
CA SER C 95 15.07 -10.04 -13.87
C SER C 95 16.19 -10.07 -12.84
N LEU C 96 16.92 -11.17 -12.76
CA LEU C 96 17.83 -11.39 -11.63
C LEU C 96 19.28 -11.15 -11.97
N LYS C 97 19.68 -11.53 -13.18
CA LYS C 97 21.07 -11.35 -13.62
C LYS C 97 21.42 -9.91 -13.94
N THR C 98 20.40 -9.07 -14.07
CA THR C 98 20.65 -7.64 -14.22
C THR C 98 20.81 -6.98 -12.86
N ARG C 99 20.70 -7.75 -11.77
CA ARG C 99 20.57 -7.17 -10.42
C ARG C 99 21.51 -7.68 -9.30
N TYR C 100 21.79 -8.98 -9.26
CA TYR C 100 22.42 -9.61 -8.09
C TYR C 100 23.75 -10.33 -8.43
N PRO C 101 24.88 -9.80 -7.90
CA PRO C 101 26.21 -10.37 -8.14
C PRO C 101 26.37 -11.90 -7.90
N ASP C 102 25.62 -12.46 -6.94
CA ASP C 102 25.78 -13.89 -6.64
C ASP C 102 25.29 -14.83 -7.74
N LEU C 103 24.51 -14.31 -8.67
CA LEU C 103 24.03 -15.08 -9.82
C LEU C 103 24.98 -15.03 -11.02
N LEU C 104 26.09 -14.31 -10.87
CA LEU C 104 27.09 -14.07 -11.93
C LEU C 104 28.44 -14.66 -11.52
N PRO C 105 29.28 -15.08 -12.50
CA PRO C 105 30.58 -15.65 -12.17
C PRO C 105 31.52 -14.63 -11.58
N PHE C 106 32.17 -14.98 -10.48
CA PHE C 106 33.09 -14.05 -9.82
C PHE C 106 34.21 -13.65 -10.78
N PRO C 107 34.61 -12.35 -10.81
CA PRO C 107 34.21 -11.19 -9.99
C PRO C 107 33.10 -10.31 -10.57
N GLN C 108 32.39 -10.81 -11.57
CA GLN C 108 31.47 -9.98 -12.36
C GLN C 108 30.31 -9.45 -11.52
N ILE C 109 29.95 -8.18 -11.77
CA ILE C 109 28.71 -7.60 -11.20
C ILE C 109 27.83 -7.17 -12.39
N PRO C 110 26.52 -6.98 -12.18
CA PRO C 110 25.69 -6.51 -13.31
C PRO C 110 26.24 -5.27 -14.07
N ASN C 111 26.86 -4.35 -13.35
CA ASN C 111 27.51 -3.20 -14.01
C ASN C 111 28.67 -3.54 -15.00
N ASP C 112 29.27 -4.73 -14.84
CA ASP C 112 30.35 -5.31 -15.69
C ASP C 112 29.77 -6.18 -16.83
N ARG C 113 28.49 -6.53 -16.76
CA ARG C 113 27.94 -7.67 -17.55
C ARG C 113 27.63 -7.35 -19.01
N PHE C 114 27.05 -6.17 -19.25
CA PHE C 114 26.50 -5.79 -20.57
C PHE C 114 27.32 -4.69 -21.23
N THR C 115 27.65 -4.87 -22.51
CA THR C 115 28.35 -3.86 -23.30
C THR C 115 27.33 -2.86 -23.84
N SER C 116 27.80 -1.71 -24.36
CA SER C 116 26.85 -0.79 -25.02
C SER C 116 26.16 -1.42 -26.21
N GLU C 117 26.91 -2.14 -27.04
CA GLU C 117 26.33 -2.84 -28.20
C GLU C 117 25.11 -3.69 -27.78
N VAL C 118 25.26 -4.48 -26.71
CA VAL C 118 24.16 -5.35 -26.26
C VAL C 118 22.97 -4.54 -25.75
N ALA C 119 23.25 -3.52 -24.93
CA ALA C 119 22.22 -2.63 -24.43
C ALA C 119 21.43 -2.07 -25.64
N MSE C 120 22.12 -1.63 -26.69
CA MSE C 120 21.45 -1.12 -27.91
C MSE C 120 20.61 -2.17 -28.67
O MSE C 120 19.47 -1.89 -29.07
CB MSE C 120 22.44 -0.44 -28.85
CG MSE C 120 22.98 0.85 -28.26
SE MSE C 120 24.20 1.77 -29.44
CE MSE C 120 25.69 0.53 -29.42
N ARG C 121 21.16 -3.38 -28.84
CA ARG C 121 20.36 -4.48 -29.43
C ARG C 121 19.07 -4.72 -28.62
N VAL C 122 19.20 -4.64 -27.29
CA VAL C 122 18.08 -4.92 -26.38
C VAL C 122 16.98 -3.85 -26.50
N MSE C 123 17.39 -2.59 -26.59
CA MSE C 123 16.44 -1.52 -26.81
C MSE C 123 15.67 -1.69 -28.12
O MSE C 123 14.45 -1.48 -28.17
CB MSE C 123 17.14 -0.17 -26.78
CG MSE C 123 17.44 0.28 -25.37
SE MSE C 123 17.97 2.12 -25.32
CE MSE C 123 16.44 2.95 -26.20
N GLU C 124 16.40 -2.05 -29.18
CA GLU C 124 15.81 -2.15 -30.52
C GLU C 124 14.80 -3.28 -30.61
N CYS C 125 15.16 -4.43 -30.06
CA CYS C 125 14.24 -5.55 -29.87
C CYS C 125 12.94 -5.15 -29.12
N THR C 126 13.11 -4.47 -27.98
CA THR C 126 11.99 -4.05 -27.13
C THR C 126 11.03 -3.05 -27.82
N ALA C 127 11.59 -2.09 -28.55
CA ALA C 127 10.81 -1.05 -29.21
C ALA C 127 9.84 -1.67 -30.21
N CYS C 128 10.30 -2.72 -30.90
CA CYS C 128 9.47 -3.37 -31.86
C CYS C 128 8.43 -4.29 -31.21
N ILE C 129 8.75 -4.88 -30.07
CA ILE C 129 7.73 -5.63 -29.33
C ILE C 129 6.60 -4.68 -28.89
N ILE C 130 6.99 -3.52 -28.36
CA ILE C 130 6.03 -2.47 -27.93
C ILE C 130 4.99 -2.13 -29.00
N ILE C 131 5.48 -1.81 -30.20
CA ILE C 131 4.63 -1.38 -31.31
C ILE C 131 3.82 -2.55 -31.89
N LYS C 132 4.45 -3.73 -32.00
CA LYS C 132 3.73 -4.96 -32.42
C LYS C 132 2.49 -5.19 -31.54
N LEU C 133 2.69 -5.16 -30.23
CA LEU C 133 1.61 -5.30 -29.27
C LEU C 133 0.64 -4.11 -29.26
N GLU C 134 1.17 -2.89 -29.38
CA GLU C 134 0.35 -1.68 -29.41
C GLU C 134 -0.60 -1.67 -30.58
N ASN C 135 -0.10 -2.04 -31.76
CA ASN C 135 -0.90 -2.12 -32.98
C ASN C 135 -1.97 -3.23 -32.93
N PHE C 136 -1.63 -4.37 -32.35
CA PHE C 136 -2.60 -5.43 -32.08
C PHE C 136 -3.74 -4.91 -31.19
N MSE C 137 -3.39 -4.16 -30.14
CA MSE C 137 -4.39 -3.59 -29.23
C MSE C 137 -5.20 -2.49 -29.92
O MSE C 137 -6.40 -2.35 -29.66
CB MSE C 137 -3.74 -3.02 -27.98
CG MSE C 137 -3.19 -4.07 -27.00
SE MSE C 137 -2.26 -3.19 -25.52
CE MSE C 137 -3.51 -1.68 -25.21
N GLN C 138 -4.54 -1.75 -30.80
CA GLN C 138 -5.18 -0.72 -31.63
C GLN C 138 -6.20 -1.34 -32.58
N GLN C 139 -5.79 -2.42 -33.25
CA GLN C 139 -6.63 -3.19 -34.16
C GLN C 139 -7.75 -3.87 -33.39
N SER D 2 29.84 -14.20 12.26
CA SER D 2 30.93 -15.18 12.64
C SER D 2 32.24 -14.97 11.85
N VAL D 3 32.27 -15.26 10.55
CA VAL D 3 33.47 -15.01 9.71
C VAL D 3 33.11 -14.20 8.46
N GLY D 4 33.80 -13.08 8.28
CA GLY D 4 33.44 -12.14 7.20
C GLY D 4 33.96 -12.58 5.84
N ASN D 5 33.41 -11.97 4.79
CA ASN D 5 33.97 -12.09 3.47
C ASN D 5 34.12 -10.69 2.90
N PRO D 6 35.26 -10.05 3.15
CA PRO D 6 35.45 -8.68 2.71
C PRO D 6 35.50 -8.52 1.17
N VAL D 7 35.92 -9.58 0.45
CA VAL D 7 36.03 -9.55 -1.00
C VAL D 7 34.61 -9.48 -1.62
N GLU D 8 33.73 -10.37 -1.16
CA GLU D 8 32.32 -10.32 -1.60
C GLU D 8 31.63 -9.04 -1.12
N ALA D 9 31.87 -8.61 0.12
CA ALA D 9 31.31 -7.32 0.59
C ALA D 9 31.61 -6.20 -0.42
N ARG D 10 32.88 -6.07 -0.82
CA ARG D 10 33.31 -5.01 -1.74
C ARG D 10 32.67 -5.10 -3.12
N ARG D 11 32.50 -6.33 -3.60
CA ARG D 11 31.85 -6.59 -4.90
C ARG D 11 30.37 -6.15 -4.88
N TRP D 12 29.63 -6.57 -3.86
CA TRP D 12 28.25 -6.13 -3.68
C TRP D 12 28.13 -4.63 -3.47
N LEU D 13 29.04 -4.05 -2.70
CA LEU D 13 29.05 -2.59 -2.50
C LEU D 13 29.30 -1.84 -3.83
N ARG D 14 30.17 -2.39 -4.69
CA ARG D 14 30.45 -1.75 -5.98
C ARG D 14 29.16 -1.65 -6.83
N GLN D 15 28.38 -2.72 -6.83
CA GLN D 15 27.09 -2.67 -7.52
C GLN D 15 26.08 -1.73 -6.82
N ALA D 16 26.06 -1.73 -5.48
CA ALA D 16 25.18 -0.77 -4.75
C ALA D 16 25.47 0.68 -5.16
N ARG D 17 26.75 1.03 -5.22
CA ARG D 17 27.20 2.34 -5.61
C ARG D 17 26.85 2.64 -7.07
N ALA D 18 27.01 1.65 -7.94
CA ALA D 18 26.60 1.80 -9.34
C ALA D 18 25.08 2.10 -9.45
N ASN D 19 24.26 1.40 -8.66
CA ASN D 19 22.82 1.66 -8.60
C ASN D 19 22.46 3.08 -8.20
N PHE D 20 23.13 3.60 -7.18
CA PHE D 20 22.89 4.96 -6.71
C PHE D 20 23.34 6.00 -7.75
N SER D 21 24.49 5.77 -8.36
CA SER D 21 24.96 6.63 -9.42
C SER D 21 23.96 6.69 -10.59
N ALA D 22 23.41 5.54 -10.95
CA ALA D 22 22.44 5.44 -12.05
C ALA D 22 21.15 6.20 -11.74
N ALA D 23 20.80 6.32 -10.45
CA ALA D 23 19.58 7.07 -10.07
C ALA D 23 19.61 8.52 -10.56
N ARG D 24 20.79 9.13 -10.62
CA ARG D 24 20.93 10.48 -11.16
C ARG D 24 20.48 10.58 -12.62
N ASN D 25 20.68 9.51 -13.39
CA ASN D 25 20.32 9.49 -14.83
C ASN D 25 18.84 9.74 -15.08
N ASP D 26 18.01 9.41 -14.09
CA ASP D 26 16.56 9.55 -14.20
C ASP D 26 15.97 10.82 -13.55
N LEU D 27 16.79 11.61 -12.85
CA LEU D 27 16.32 12.86 -12.25
C LEU D 27 15.91 13.89 -13.29
N HIS D 28 14.80 14.58 -13.01
CA HIS D 28 14.23 15.63 -13.85
C HIS D 28 13.91 15.16 -15.28
N LYS D 29 13.50 13.90 -15.40
CA LYS D 29 13.22 13.28 -16.69
C LYS D 29 11.90 12.50 -16.71
N ASN D 30 10.99 12.91 -15.84
CA ASN D 30 9.71 12.21 -15.65
C ASN D 30 9.91 10.69 -15.57
N ALA D 31 10.88 10.28 -14.76
CA ALA D 31 11.06 8.86 -14.45
C ALA D 31 11.29 8.71 -12.94
N ASN D 32 10.47 9.38 -12.14
CA ASN D 32 10.71 9.38 -10.70
C ASN D 32 10.52 8.01 -10.03
N GLU D 33 9.74 7.10 -10.65
CA GLU D 33 9.59 5.73 -10.13
C GLU D 33 10.89 4.95 -10.23
N TRP D 34 11.68 5.29 -11.26
CA TRP D 34 12.98 4.66 -11.48
C TRP D 34 14.03 5.23 -10.55
N VAL D 35 13.97 6.54 -10.28
CA VAL D 35 14.81 7.09 -9.21
C VAL D 35 14.54 6.33 -7.90
N CYS D 36 13.28 6.18 -7.52
CA CYS D 36 12.93 5.49 -6.27
C CYS D 36 13.38 4.04 -6.25
N PHE D 37 13.14 3.31 -7.32
CA PHE D 37 13.52 1.90 -7.33
C PHE D 37 15.05 1.70 -7.33
N LYS D 38 15.77 2.55 -8.06
CA LYS D 38 17.23 2.43 -8.03
C LYS D 38 17.74 2.68 -6.60
N CYS D 39 17.12 3.62 -5.90
CA CYS D 39 17.54 3.92 -4.54
C CYS D 39 17.20 2.75 -3.60
N TYR D 40 16.07 2.09 -3.85
CA TYR D 40 15.69 0.89 -3.10
C TYR D 40 16.74 -0.23 -3.24
N LEU D 41 17.09 -0.54 -4.50
CA LEU D 41 18.09 -1.57 -4.79
C LEU D 41 19.49 -1.18 -4.34
N SER D 42 19.81 0.10 -4.41
CA SER D 42 21.09 0.56 -3.87
C SER D 42 21.19 0.24 -2.34
N THR D 43 20.13 0.60 -1.61
CA THR D 43 20.06 0.39 -0.18
C THR D 43 20.13 -1.11 0.11
N LYS D 44 19.35 -1.89 -0.64
CA LYS D 44 19.27 -3.32 -0.44
C LYS D 44 20.64 -4.00 -0.57
N LEU D 45 21.32 -3.71 -1.66
CA LEU D 45 22.64 -4.31 -1.94
C LEU D 45 23.74 -3.81 -1.01
N ALA D 46 23.65 -2.56 -0.54
CA ALA D 46 24.61 -2.07 0.45
C ALA D 46 24.45 -2.81 1.80
N LEU D 47 23.20 -3.04 2.19
CA LEU D 47 22.88 -3.85 3.37
C LEU D 47 23.43 -5.27 3.24
N ILE D 48 23.16 -5.90 2.09
CA ILE D 48 23.71 -7.23 1.81
C ILE D 48 25.25 -7.18 1.83
N ALA D 49 25.84 -6.15 1.26
CA ALA D 49 27.31 -5.98 1.34
C ALA D 49 27.81 -6.00 2.80
N ALA D 50 27.18 -5.19 3.65
CA ALA D 50 27.53 -5.14 5.08
C ALA D 50 27.37 -6.51 5.75
N ASP D 51 26.34 -7.26 5.35
CA ASP D 51 26.08 -8.60 5.91
C ASP D 51 27.24 -9.54 5.56
N TYR D 52 27.63 -9.57 4.29
CA TYR D 52 28.84 -10.29 3.83
C TYR D 52 30.08 -9.90 4.60
N ALA D 53 30.27 -8.60 4.85
CA ALA D 53 31.46 -8.13 5.55
C ALA D 53 31.58 -8.74 6.97
N VAL D 54 30.45 -9.03 7.60
CA VAL D 54 30.42 -9.53 8.99
C VAL D 54 30.32 -11.06 9.12
N ARG D 55 29.38 -11.68 8.41
CA ARG D 55 29.18 -13.12 8.51
C ARG D 55 29.38 -13.91 7.22
N GLY D 56 29.75 -13.23 6.14
CA GLY D 56 30.11 -13.91 4.89
C GLY D 56 28.97 -14.56 4.12
N LYS D 57 27.73 -14.14 4.39
CA LYS D 57 26.55 -14.63 3.70
C LYS D 57 25.46 -13.61 3.91
N SER D 58 24.41 -13.67 3.10
CA SER D 58 23.23 -12.84 3.34
C SER D 58 21.97 -13.55 2.86
N ASP D 59 20.86 -12.82 2.72
CA ASP D 59 19.65 -13.38 2.13
C ASP D 59 18.92 -12.33 1.33
N LYS D 60 18.84 -12.57 0.02
CA LYS D 60 18.21 -11.68 -0.95
C LYS D 60 16.69 -11.63 -0.83
N ASP D 61 16.12 -12.65 -0.19
CA ASP D 61 14.67 -12.80 -0.08
C ASP D 61 14.06 -11.96 1.04
N VAL D 62 14.93 -11.45 1.90
CA VAL D 62 14.55 -10.55 3.00
C VAL D 62 14.43 -9.11 2.46
N LYS D 63 13.51 -8.33 3.02
CA LYS D 63 13.44 -6.91 2.67
C LYS D 63 14.50 -6.09 3.42
N PRO D 64 14.87 -4.89 2.90
CA PRO D 64 15.93 -4.14 3.54
C PRO D 64 15.74 -3.87 5.05
N THR D 65 14.49 -3.56 5.48
CA THR D 65 14.26 -3.26 6.91
C THR D 65 14.64 -4.45 7.78
N ALA D 66 14.19 -5.65 7.38
CA ALA D 66 14.49 -6.89 8.10
C ALA D 66 15.97 -7.27 8.10
N LEU D 67 16.67 -7.12 6.98
CA LEU D 67 18.13 -7.31 6.98
C LEU D 67 18.83 -6.29 7.87
N ALA D 68 18.34 -5.04 7.88
CA ALA D 68 18.96 -3.97 8.67
C ALA D 68 18.84 -4.25 10.17
N GLN D 69 17.70 -4.82 10.57
CA GLN D 69 17.51 -5.22 11.96
C GLN D 69 18.63 -6.18 12.44
N LYS D 70 18.88 -7.22 11.67
CA LYS D 70 19.98 -8.16 11.95
C LYS D 70 21.35 -7.47 11.98
N ILE D 71 21.61 -6.60 11.00
CA ILE D 71 22.91 -5.94 10.85
C ILE D 71 23.17 -4.98 12.02
N GLU D 72 22.13 -4.21 12.40
CA GLU D 72 22.27 -3.24 13.49
C GLU D 72 22.79 -3.91 14.76
N GLU D 73 22.34 -5.14 14.98
CA GLU D 73 22.78 -5.94 16.12
C GLU D 73 24.30 -6.17 16.15
N TYR D 74 24.94 -6.17 14.98
CA TYR D 74 26.37 -6.42 14.88
C TYR D 74 27.24 -5.35 15.52
N SER D 75 26.76 -4.11 15.58
CA SER D 75 27.60 -2.98 15.93
C SER D 75 26.85 -1.77 16.45
N GLN D 76 27.36 -1.22 17.56
CA GLN D 76 26.89 0.04 18.13
C GLN D 76 27.12 1.19 17.15
N GLN D 77 28.04 0.99 16.22
CA GLN D 77 28.30 1.95 15.15
C GLN D 77 27.21 2.00 14.08
N LEU D 78 26.22 1.10 14.14
CA LEU D 78 25.06 1.17 13.24
C LEU D 78 23.73 1.48 13.96
N GLU D 79 23.82 2.14 15.11
CA GLU D 79 22.64 2.56 15.87
C GLU D 79 21.73 3.41 14.99
N GLY D 80 20.47 3.02 14.83
CA GLY D 80 19.54 3.84 14.06
C GLY D 80 19.38 3.43 12.61
N LEU D 81 20.21 2.50 12.15
CA LEU D 81 20.15 2.01 10.76
C LEU D 81 18.74 1.49 10.39
N THR D 82 18.16 0.67 11.25
CA THR D 82 16.87 0.01 10.96
C THR D 82 15.77 1.06 10.79
N ASN D 83 15.73 2.01 11.71
CA ASN D 83 14.77 3.10 11.59
C ASN D 83 14.97 3.96 10.36
N ASP D 84 16.22 4.17 9.94
CA ASP D 84 16.48 4.95 8.73
C ASP D 84 16.02 4.16 7.50
N VAL D 85 16.31 2.86 7.48
CA VAL D 85 15.91 2.01 6.36
C VAL D 85 14.36 1.88 6.32
N HIS D 86 13.73 1.77 7.49
CA HIS D 86 12.25 1.77 7.57
C HIS D 86 11.64 3.02 6.95
N THR D 87 12.22 4.18 7.27
CA THR D 87 11.69 5.46 6.78
C THR D 87 11.84 5.49 5.27
N LEU D 88 13.00 5.06 4.80
CA LEU D 88 13.25 5.05 3.36
C LEU D 88 12.18 4.23 2.65
N GLU D 89 11.86 3.06 3.19
CA GLU D 89 10.80 2.20 2.59
C GLU D 89 9.38 2.72 2.80
N ALA D 90 9.19 3.51 3.85
CA ALA D 90 7.86 4.10 4.17
C ALA D 90 7.40 5.15 3.18
N TYR D 91 8.35 5.78 2.48
CA TYR D 91 7.99 6.69 1.38
C TYR D 91 7.12 5.97 0.35
N GLY D 92 6.99 4.65 0.53
CA GLY D 92 6.08 3.82 -0.25
C GLY D 92 6.88 3.16 -1.33
N VAL D 93 8.20 3.23 -1.17
CA VAL D 93 9.20 2.61 -2.02
C VAL D 93 9.28 1.12 -1.71
N ASP D 94 9.12 0.32 -2.75
CA ASP D 94 9.36 -1.12 -2.68
C ASP D 94 9.52 -1.68 -4.09
N SER D 95 10.06 -2.89 -4.16
CA SER D 95 10.23 -3.56 -5.44
C SER D 95 8.94 -3.83 -6.22
N LEU D 96 7.79 -3.33 -5.75
CA LEU D 96 6.47 -3.50 -6.40
C LEU D 96 5.62 -2.24 -6.72
N LYS D 97 5.37 -1.36 -5.75
CA LYS D 97 4.62 -0.10 -6.04
C LYS D 97 5.30 0.84 -7.05
N THR D 98 6.60 0.66 -7.24
CA THR D 98 7.32 1.44 -8.23
C THR D 98 7.18 0.83 -9.62
N ARG D 99 6.59 -0.36 -9.70
CA ARG D 99 6.67 -1.17 -10.90
C ARG D 99 5.34 -1.50 -11.60
N TYR D 100 4.32 -1.94 -10.84
CA TYR D 100 3.06 -2.43 -11.44
C TYR D 100 1.84 -1.54 -11.16
N PRO D 101 1.10 -1.17 -12.22
CA PRO D 101 -0.14 -0.36 -12.12
C PRO D 101 -1.22 -0.88 -11.19
N ASP D 102 -1.39 -2.20 -11.11
CA ASP D 102 -2.55 -2.76 -10.41
C ASP D 102 -2.47 -2.57 -8.89
N LEU D 103 -1.29 -2.24 -8.40
CA LEU D 103 -1.08 -2.01 -6.99
C LEU D 103 -1.42 -0.56 -6.59
N LEU D 104 -1.89 0.21 -7.57
CA LEU D 104 -2.28 1.62 -7.41
C LEU D 104 -3.73 1.82 -7.83
N PRO D 105 -4.41 2.87 -7.34
CA PRO D 105 -5.79 3.08 -7.78
C PRO D 105 -5.89 3.48 -9.25
N PHE D 106 -6.84 2.88 -9.96
CA PHE D 106 -7.17 3.22 -11.34
C PHE D 106 -7.44 4.73 -11.44
N PRO D 107 -6.92 5.38 -12.50
CA PRO D 107 -6.16 4.80 -13.58
C PRO D 107 -4.67 5.06 -13.43
N GLN D 108 -4.21 5.23 -12.18
CA GLN D 108 -2.84 5.66 -11.93
C GLN D 108 -1.76 4.60 -12.28
N ILE D 109 -0.58 5.07 -12.66
CA ILE D 109 0.54 4.21 -12.97
C ILE D 109 1.74 4.71 -12.15
N PRO D 110 2.76 3.87 -11.95
CA PRO D 110 3.98 4.33 -11.23
C PRO D 110 4.57 5.65 -11.74
N ASN D 111 4.53 5.87 -13.05
CA ASN D 111 5.00 7.14 -13.61
C ASN D 111 4.25 8.35 -13.02
N ASP D 112 3.01 8.12 -12.56
CA ASP D 112 2.16 9.16 -11.93
C ASP D 112 2.33 9.30 -10.41
N ARG D 113 2.79 8.26 -9.74
CA ARG D 113 2.73 8.20 -8.27
C ARG D 113 3.84 9.00 -7.59
N PHE D 114 4.99 9.08 -8.25
CA PHE D 114 6.17 9.66 -7.63
C PHE D 114 6.47 11.05 -8.19
N THR D 115 6.44 12.07 -7.33
CA THR D 115 6.78 13.46 -7.73
C THR D 115 8.29 13.73 -7.74
N SER D 116 8.71 14.82 -8.39
CA SER D 116 10.12 15.21 -8.36
C SER D 116 10.59 15.49 -6.93
N GLU D 117 9.68 15.98 -6.10
CA GLU D 117 9.95 16.21 -4.66
C GLU D 117 10.23 14.93 -3.87
N VAL D 118 9.37 13.93 -4.06
CA VAL D 118 9.52 12.64 -3.40
C VAL D 118 10.81 11.95 -3.87
N ALA D 119 11.01 11.90 -5.18
CA ALA D 119 12.25 11.39 -5.79
C ALA D 119 13.52 11.99 -5.17
N MSE D 120 13.55 13.31 -5.02
CA MSE D 120 14.70 13.99 -4.43
C MSE D 120 14.90 13.59 -2.98
O MSE D 120 16.02 13.35 -2.57
CB MSE D 120 14.60 15.52 -4.56
CG MSE D 120 15.54 16.11 -5.61
SE MSE D 120 17.42 15.64 -5.28
CE MSE D 120 18.19 16.30 -6.95
N ARG D 121 13.81 13.51 -2.22
CA ARG D 121 13.94 13.14 -0.79
C ARG D 121 14.39 11.69 -0.60
N VAL D 122 13.81 10.79 -1.39
CA VAL D 122 14.27 9.39 -1.42
C VAL D 122 15.78 9.31 -1.76
N MSE D 123 16.25 10.03 -2.79
CA MSE D 123 17.69 10.05 -3.08
C MSE D 123 18.52 10.49 -1.87
O MSE D 123 19.53 9.86 -1.54
CB MSE D 123 18.03 10.99 -4.24
CG MSE D 123 17.63 10.52 -5.59
SE MSE D 123 19.11 10.73 -6.84
CE MSE D 123 20.07 12.20 -6.02
N GLU D 124 18.09 11.57 -1.24
CA GLU D 124 18.79 12.16 -0.11
C GLU D 124 18.85 11.22 1.08
N CYS D 125 17.71 10.59 1.36
CA CYS D 125 17.58 9.52 2.37
C CYS D 125 18.57 8.39 2.14
N THR D 126 18.57 7.87 0.91
CA THR D 126 19.42 6.76 0.51
C THR D 126 20.90 7.12 0.64
N ALA D 127 21.28 8.33 0.20
CA ALA D 127 22.66 8.82 0.36
C ALA D 127 23.12 8.76 1.82
N CYS D 128 22.26 9.17 2.75
CA CYS D 128 22.63 9.16 4.18
C CYS D 128 23.02 7.73 4.61
N ILE D 129 22.18 6.79 4.25
CA ILE D 129 22.34 5.36 4.54
C ILE D 129 23.58 4.72 3.87
N ILE D 130 23.77 4.99 2.56
CA ILE D 130 24.95 4.46 1.81
C ILE D 130 26.23 4.95 2.50
N ILE D 131 26.26 6.25 2.84
CA ILE D 131 27.45 6.82 3.46
C ILE D 131 27.76 6.15 4.81
N LYS D 132 26.74 5.92 5.62
CA LYS D 132 26.88 5.25 6.93
C LYS D 132 27.49 3.86 6.74
N LEU D 133 26.88 3.06 5.86
CA LEU D 133 27.32 1.68 5.58
C LEU D 133 28.73 1.61 4.96
N GLU D 134 28.97 2.41 3.92
CA GLU D 134 30.30 2.55 3.32
C GLU D 134 31.34 2.84 4.40
N ASN D 135 31.05 3.82 5.26
CA ASN D 135 31.98 4.23 6.32
C ASN D 135 32.22 3.13 7.36
N PHE D 136 31.15 2.42 7.72
CA PHE D 136 31.24 1.27 8.61
C PHE D 136 32.15 0.17 8.04
N MSE D 137 32.02 -0.11 6.74
CA MSE D 137 32.85 -1.15 6.11
C MSE D 137 34.31 -0.76 5.94
O MSE D 137 35.20 -1.60 6.05
CB MSE D 137 32.25 -1.62 4.77
CG MSE D 137 31.18 -2.71 4.94
SE MSE D 137 30.23 -3.06 3.26
CE MSE D 137 29.02 -1.60 3.30
N GLN D 138 34.54 0.54 5.70
CA GLN D 138 35.88 1.06 5.33
C GLN D 138 36.81 1.19 6.53
C1 MLI E . -9.67 -4.49 12.84
C2 MLI E . -9.35 -4.49 14.34
C3 MLI E . -9.47 -3.11 12.19
O6 MLI E . -9.79 -5.43 15.07
O7 MLI E . -8.65 -3.55 14.82
O8 MLI E . -8.43 -2.90 11.50
O9 MLI E . -10.35 -2.24 12.36
C1 MLI F . -12.31 -4.03 5.76
C2 MLI F . -13.30 -3.49 6.80
C3 MLI F . -12.70 -3.54 4.38
O6 MLI F . -14.11 -4.30 7.32
O7 MLI F . -13.28 -2.26 7.06
O8 MLI F . -11.80 -3.50 3.50
O9 MLI F . -13.90 -3.21 4.19
C1 MLI G . 36.15 -2.70 -4.82
C2 MLI G . 36.86 -4.03 -4.65
C3 MLI G . 36.63 -2.12 -6.11
O6 MLI G . 37.92 -4.07 -3.98
O7 MLI G . 36.34 -5.05 -5.19
O8 MLI G . 37.41 -2.78 -6.82
O9 MLI G . 36.22 -0.98 -6.45
#